data_6GCB
#
_entry.id   6GCB
#
_cell.length_a   72.370
_cell.length_b   72.370
_cell.length_c   316.710
_cell.angle_alpha   90.00
_cell.angle_beta   90.00
_cell.angle_gamma   90.00
#
_symmetry.space_group_name_H-M   'P 43 21 2'
#
loop_
_entity.id
_entity.type
_entity.pdbx_description
1 polymer 'Glutathione transferase Xi 3 from Trametes versicolor'
2 non-polymer GLUTATHIONE
3 water water
#
_entity_poly.entity_id   1
_entity_poly.type   'polypeptide(L)'
_entity_poly.pdbx_seq_one_letter_code
;MAATRDVTHLTDISKGLAEADGSFKRKASTFRRFIEKGGEFEPEKGRYHLYVAYSCPWATRTLIVRKIKGLEEIVGVTIV
SPLFSAHGWPFGDVSPFPGAEADPFYNAQYVRDLYLRADPKYEGRFTVPVLWDKKTETVVNNESSEIIRIFNTAFNEFLP
ADKAAIHLYPEALKSEIDEINEWVYDTVNNGVYKAGFATTQQAYEAAVIPLFESLDRLEKILTGKDYLVGDQLTEADVRL
FVTIIRFDPAYVGHFKCNLRTIRDGYPAIHLWLRKLYWNNSAFSETCKFDHIKASYYAQKNVNPTLVVPLGPIPNILPLH
HHHHH
;
_entity_poly.pdbx_strand_id   A,B
#
loop_
_chem_comp.id
_chem_comp.type
_chem_comp.name
_chem_comp.formula
GSH non-polymer GLUTATHIONE 'C10 H17 N3 O6 S'
#
# COMPACT_ATOMS: atom_id res chain seq x y z
N LYS A 27 -18.12 19.25 -0.24
CA LYS A 27 -18.69 20.47 -0.81
C LYS A 27 -19.23 20.23 -2.22
N ALA A 28 -20.52 20.54 -2.43
CA ALA A 28 -21.19 20.23 -3.69
C ALA A 28 -20.82 21.24 -4.78
N SER A 29 -20.78 20.74 -6.01
CA SER A 29 -20.54 21.59 -7.16
C SER A 29 -21.68 22.59 -7.36
N THR A 30 -21.34 23.80 -7.77
CA THR A 30 -22.30 24.90 -7.75
C THR A 30 -22.62 25.46 -9.14
N PHE A 31 -21.99 24.96 -10.21
CA PHE A 31 -22.38 25.28 -11.59
C PHE A 31 -23.17 24.10 -12.11
N ARG A 32 -24.49 24.25 -12.18
CA ARG A 32 -25.38 23.13 -12.41
C ARG A 32 -26.36 23.44 -13.53
N ARG A 33 -25.84 23.92 -14.65
CA ARG A 33 -26.65 24.21 -15.81
C ARG A 33 -26.57 23.09 -16.85
N PHE A 34 -27.50 23.16 -17.81
CA PHE A 34 -27.68 22.15 -18.82
C PHE A 34 -27.63 22.78 -20.20
N ILE A 35 -27.60 21.93 -21.21
CA ILE A 35 -27.47 22.33 -22.60
C ILE A 35 -28.77 21.91 -23.26
N GLU A 36 -29.66 22.86 -23.50
CA GLU A 36 -31.05 22.57 -23.84
C GLU A 36 -31.52 23.52 -24.93
N LYS A 37 -32.33 23.00 -25.85
CA LYS A 37 -32.91 23.86 -26.89
C LYS A 37 -33.68 24.99 -26.24
N GLY A 38 -33.44 26.20 -26.69
CA GLY A 38 -34.10 27.36 -26.16
C GLY A 38 -33.56 27.84 -24.84
N GLY A 39 -32.54 27.18 -24.30
CA GLY A 39 -32.01 27.49 -23.00
C GLY A 39 -30.85 28.46 -23.05
N GLU A 40 -30.25 28.67 -21.88
CA GLU A 40 -29.05 29.49 -21.79
C GLU A 40 -27.92 28.97 -22.67
N PHE A 41 -27.81 27.64 -22.78
CA PHE A 41 -26.69 27.00 -23.48
C PHE A 41 -27.27 26.12 -24.59
N GLU A 42 -27.43 26.73 -25.77
CA GLU A 42 -28.07 26.05 -26.88
C GLU A 42 -27.18 24.91 -27.38
N PRO A 43 -27.74 23.75 -27.70
CA PRO A 43 -26.91 22.68 -28.26
C PRO A 43 -26.23 23.10 -29.57
N GLU A 44 -24.91 23.04 -29.57
CA GLU A 44 -24.12 23.43 -30.73
C GLU A 44 -22.86 22.60 -30.79
N LYS A 45 -22.35 22.41 -32.01
CA LYS A 45 -21.06 21.78 -32.27
C LYS A 45 -19.94 22.81 -32.20
N GLY A 46 -18.82 22.44 -31.59
CA GLY A 46 -17.68 23.34 -31.54
C GLY A 46 -17.81 24.49 -30.56
N ARG A 47 -18.77 24.45 -29.65
CA ARG A 47 -19.02 25.51 -28.67
C ARG A 47 -18.58 25.16 -27.26
N TYR A 48 -18.75 23.92 -26.86
CA TYR A 48 -18.53 23.47 -25.50
C TYR A 48 -17.24 22.67 -25.42
N HIS A 49 -16.62 22.72 -24.25
CA HIS A 49 -15.26 22.23 -24.07
C HIS A 49 -15.11 21.64 -22.68
N LEU A 50 -14.39 20.54 -22.57
CA LEU A 50 -14.13 19.90 -21.28
C LEU A 50 -12.72 20.20 -20.83
N TYR A 51 -12.58 20.62 -19.57
CA TYR A 51 -11.28 20.72 -18.92
C TYR A 51 -11.22 19.64 -17.84
N VAL A 52 -10.21 18.79 -17.90
CA VAL A 52 -10.16 17.59 -17.08
C VAL A 52 -8.71 17.30 -16.70
N ALA A 53 -8.56 16.51 -15.64
CA ALA A 53 -7.33 15.82 -15.30
C ALA A 53 -7.55 14.32 -15.48
N TYR A 54 -6.62 13.67 -16.15
CA TYR A 54 -6.74 12.23 -16.33
C TYR A 54 -6.76 11.48 -15.01
N SER A 55 -6.18 12.06 -13.95
CA SER A 55 -6.09 11.36 -12.68
C SER A 55 -7.41 11.35 -11.93
N CYS A 56 -8.30 12.27 -12.27
CA CYS A 56 -9.51 12.48 -11.51
C CYS A 56 -10.57 11.50 -11.98
N PRO A 57 -11.12 10.65 -11.09
CA PRO A 57 -12.15 9.71 -11.58
C PRO A 57 -13.41 10.40 -12.02
N TRP A 58 -13.78 11.48 -11.33
CA TRP A 58 -15.00 12.20 -11.67
C TRP A 58 -14.91 12.77 -13.09
N ALA A 59 -13.76 13.38 -13.40
CA ALA A 59 -13.55 13.93 -14.73
C ALA A 59 -13.46 12.82 -15.77
N THR A 60 -12.81 11.71 -15.41
CA THR A 60 -12.68 10.60 -16.35
C THR A 60 -14.05 10.05 -16.74
N ARG A 61 -15.04 10.14 -15.85
CA ARG A 61 -16.39 9.78 -16.26
C ARG A 61 -16.77 10.51 -17.55
N THR A 62 -16.47 11.81 -17.62
CA THR A 62 -16.91 12.61 -18.76
C THR A 62 -16.11 12.25 -20.01
N LEU A 63 -14.83 11.90 -19.85
CA LEU A 63 -14.04 11.47 -20.99
C LEU A 63 -14.54 10.14 -21.54
N ILE A 64 -14.87 9.20 -20.65
CA ILE A 64 -15.39 7.93 -21.12
C ILE A 64 -16.66 8.16 -21.93
N VAL A 65 -17.59 8.96 -21.40
CA VAL A 65 -18.87 9.07 -22.09
C VAL A 65 -18.71 9.90 -23.36
N ARG A 66 -17.78 10.86 -23.36
CA ARG A 66 -17.45 11.58 -24.60
C ARG A 66 -17.05 10.61 -25.70
N LYS A 67 -16.26 9.58 -25.38
CA LYS A 67 -15.88 8.62 -26.42
C LYS A 67 -17.01 7.65 -26.74
N ILE A 68 -17.75 7.17 -25.74
CA ILE A 68 -18.87 6.27 -26.00
C ILE A 68 -19.83 6.88 -26.99
N LYS A 69 -20.13 8.17 -26.81
CA LYS A 69 -21.12 8.85 -27.63
C LYS A 69 -20.54 9.45 -28.90
N GLY A 70 -19.23 9.30 -29.12
CA GLY A 70 -18.65 9.78 -30.37
C GLY A 70 -18.62 11.28 -30.45
N LEU A 71 -18.38 11.96 -29.34
CA LEU A 71 -18.46 13.40 -29.28
C LEU A 71 -17.11 14.10 -29.47
N GLU A 72 -16.08 13.40 -29.94
CA GLU A 72 -14.73 13.94 -29.90
C GLU A 72 -14.59 15.21 -30.73
N GLU A 73 -15.27 15.29 -31.87
CA GLU A 73 -15.22 16.42 -32.77
C GLU A 73 -16.34 17.43 -32.52
N ILE A 74 -17.10 17.23 -31.45
CA ILE A 74 -18.22 18.07 -31.12
C ILE A 74 -17.97 18.86 -29.85
N VAL A 75 -17.32 18.21 -28.88
CA VAL A 75 -16.91 18.80 -27.61
C VAL A 75 -15.40 18.61 -27.50
N GLY A 76 -14.67 19.71 -27.36
CA GLY A 76 -13.23 19.64 -27.24
C GLY A 76 -12.82 19.27 -25.81
N VAL A 77 -11.54 18.91 -25.66
CA VAL A 77 -11.00 18.51 -24.36
C VAL A 77 -9.62 19.12 -24.20
N THR A 78 -9.32 19.61 -23.00
CA THR A 78 -7.96 19.96 -22.61
C THR A 78 -7.61 19.20 -21.34
N ILE A 79 -6.42 18.63 -21.34
CA ILE A 79 -5.88 17.85 -20.21
C ILE A 79 -4.96 18.74 -19.38
N VAL A 80 -5.31 18.93 -18.11
CA VAL A 80 -4.47 19.70 -17.18
C VAL A 80 -3.38 18.79 -16.63
N SER A 81 -2.38 19.37 -15.99
CA SER A 81 -1.32 18.56 -15.38
C SER A 81 -1.87 17.77 -14.20
N PRO A 82 -1.45 16.51 -14.02
CA PRO A 82 -1.89 15.73 -12.86
C PRO A 82 -1.23 16.12 -11.56
N LEU A 83 -0.27 17.04 -11.61
CA LEU A 83 0.53 17.43 -10.43
C LEU A 83 -0.13 18.64 -9.78
N PHE A 84 -1.07 18.33 -8.89
CA PHE A 84 -1.80 19.35 -8.15
C PHE A 84 -0.82 20.26 -7.41
N SER A 85 -1.09 21.56 -7.42
CA SER A 85 -0.17 22.56 -6.90
C SER A 85 -0.85 23.38 -5.81
N ALA A 86 -0.09 24.32 -5.26
CA ALA A 86 -0.64 25.23 -4.25
C ALA A 86 -1.76 26.11 -4.80
N HIS A 87 -1.79 26.34 -6.10
CA HIS A 87 -2.86 27.09 -6.74
C HIS A 87 -3.85 26.19 -7.47
N GLY A 88 -3.86 24.90 -7.14
CA GLY A 88 -4.81 23.97 -7.75
C GLY A 88 -4.24 23.28 -8.98
N TRP A 89 -5.12 22.90 -9.90
CA TRP A 89 -4.70 22.19 -11.11
C TRP A 89 -3.93 23.13 -12.01
N PRO A 90 -2.66 22.87 -12.30
CA PRO A 90 -1.96 23.69 -13.29
C PRO A 90 -2.16 23.16 -14.69
N PHE A 91 -2.03 24.05 -15.65
CA PHE A 91 -1.97 23.60 -17.01
C PHE A 91 -0.57 23.07 -17.33
N GLY A 92 -0.47 22.41 -18.48
CA GLY A 92 0.71 21.65 -18.84
C GLY A 92 1.95 22.49 -19.10
N ASP A 93 1.78 23.79 -19.38
CA ASP A 93 2.94 24.66 -19.53
C ASP A 93 3.51 25.05 -18.19
N VAL A 94 2.64 25.22 -17.20
CA VAL A 94 3.07 25.52 -15.84
C VAL A 94 3.75 24.32 -15.21
N SER A 95 3.17 23.14 -15.38
CA SER A 95 3.64 21.92 -14.72
C SER A 95 3.71 20.82 -15.75
N PRO A 96 4.81 20.72 -16.50
CA PRO A 96 4.85 19.77 -17.62
C PRO A 96 4.74 18.31 -17.17
N PHE A 97 4.06 17.52 -17.97
CA PHE A 97 3.83 16.11 -17.71
C PHE A 97 3.35 15.54 -19.02
N PRO A 98 3.80 14.35 -19.43
CA PRO A 98 3.40 13.81 -20.74
C PRO A 98 1.89 13.75 -20.89
N GLY A 99 1.38 14.35 -21.96
CA GLY A 99 -0.03 14.37 -22.19
C GLY A 99 -0.77 15.56 -21.61
N ALA A 100 -0.17 16.29 -20.67
CA ALA A 100 -0.79 17.47 -20.12
C ALA A 100 -0.61 18.61 -21.10
N GLU A 101 -1.61 19.47 -21.18
CA GLU A 101 -1.69 20.48 -22.24
C GLU A 101 -1.79 21.88 -21.67
N ALA A 102 -1.31 22.85 -22.42
CA ALA A 102 -1.59 24.24 -22.13
C ALA A 102 -3.05 24.54 -22.46
N ASP A 103 -3.60 25.51 -21.79
CA ASP A 103 -4.92 26.02 -22.14
C ASP A 103 -4.88 26.61 -23.54
N PRO A 104 -5.71 26.15 -24.47
CA PRO A 104 -5.64 26.70 -25.84
C PRO A 104 -6.23 28.10 -25.99
N PHE A 105 -7.06 28.55 -25.06
CA PHE A 105 -7.97 29.67 -25.33
C PHE A 105 -7.64 30.98 -24.63
N TYR A 106 -7.30 30.95 -23.34
CA TYR A 106 -7.20 32.17 -22.53
C TYR A 106 -5.85 32.33 -21.85
N ASN A 107 -4.88 31.47 -22.17
CA ASN A 107 -3.60 31.42 -21.46
C ASN A 107 -3.82 31.19 -19.97
N ALA A 108 -4.89 30.49 -19.62
CA ALA A 108 -5.09 30.15 -18.22
C ALA A 108 -3.90 29.35 -17.71
N GLN A 109 -3.49 29.66 -16.50
CA GLN A 109 -2.36 28.98 -15.89
C GLN A 109 -2.78 27.89 -14.92
N TYR A 110 -3.88 28.11 -14.22
CA TYR A 110 -4.49 27.11 -13.33
C TYR A 110 -5.98 27.05 -13.62
N VAL A 111 -6.60 25.94 -13.24
CA VAL A 111 -8.04 25.82 -13.47
C VAL A 111 -8.81 26.96 -12.81
N ARG A 112 -8.34 27.46 -11.66
CA ARG A 112 -9.03 28.56 -11.00
C ARG A 112 -9.18 29.77 -11.92
N ASP A 113 -8.27 29.92 -12.90
CA ASP A 113 -8.40 31.06 -13.79
C ASP A 113 -9.66 30.97 -14.63
N LEU A 114 -10.07 29.75 -15.00
CA LEU A 114 -11.33 29.57 -15.73
C LEU A 114 -12.51 29.99 -14.86
N TYR A 115 -12.52 29.54 -13.62
CA TYR A 115 -13.64 29.84 -12.72
C TYR A 115 -13.76 31.34 -12.51
N LEU A 116 -12.63 32.00 -12.26
CA LEU A 116 -12.63 33.44 -11.99
C LEU A 116 -12.91 34.24 -13.25
N ARG A 117 -12.61 33.69 -14.41
CA ARG A 117 -13.05 34.28 -15.67
C ARG A 117 -14.57 34.22 -15.79
N ALA A 118 -15.16 33.08 -15.47
CA ALA A 118 -16.60 32.92 -15.50
C ALA A 118 -17.27 33.81 -14.45
N ASP A 119 -16.69 33.90 -13.26
CA ASP A 119 -17.28 34.65 -12.15
C ASP A 119 -16.15 35.13 -11.25
N PRO A 120 -15.78 36.41 -11.31
CA PRO A 120 -14.69 36.90 -10.45
C PRO A 120 -14.98 36.76 -8.97
N LYS A 121 -16.25 36.64 -8.59
CA LYS A 121 -16.62 36.51 -7.19
C LYS A 121 -16.82 35.07 -6.76
N TYR A 122 -16.46 34.11 -7.59
CA TYR A 122 -16.70 32.72 -7.28
C TYR A 122 -16.01 32.33 -5.98
N GLU A 123 -16.73 31.60 -5.14
CA GLU A 123 -16.19 31.18 -3.86
C GLU A 123 -16.23 29.67 -3.66
N GLY A 124 -16.61 28.90 -4.67
CA GLY A 124 -16.55 27.45 -4.58
C GLY A 124 -15.15 26.90 -4.78
N ARG A 125 -15.10 25.60 -4.95
CA ARG A 125 -13.85 24.91 -5.25
C ARG A 125 -13.56 24.91 -6.76
N PHE A 126 -12.28 24.90 -7.09
CA PHE A 126 -11.83 24.99 -8.47
C PHE A 126 -11.59 23.59 -9.04
N THR A 127 -12.70 22.85 -9.15
CA THR A 127 -12.62 21.42 -9.42
C THR A 127 -12.65 21.12 -10.92
N VAL A 128 -12.08 19.96 -11.27
CA VAL A 128 -12.34 19.34 -12.56
C VAL A 128 -13.30 18.19 -12.29
N PRO A 129 -14.16 17.86 -13.25
CA PRO A 129 -14.25 18.39 -14.61
C PRO A 129 -14.95 19.73 -14.68
N VAL A 130 -14.63 20.46 -15.75
CA VAL A 130 -15.33 21.69 -16.11
C VAL A 130 -15.90 21.49 -17.52
N LEU A 131 -17.22 21.60 -17.64
CA LEU A 131 -17.86 21.72 -18.96
C LEU A 131 -18.07 23.21 -19.18
N TRP A 132 -17.35 23.74 -20.16
CA TRP A 132 -17.12 25.17 -20.40
C TRP A 132 -17.84 25.59 -21.68
N ASP A 133 -18.45 26.77 -21.63
CA ASP A 133 -19.04 27.38 -22.81
C ASP A 133 -18.08 28.42 -23.36
N LYS A 134 -17.51 28.17 -24.55
CA LYS A 134 -16.58 29.12 -25.13
C LYS A 134 -17.26 30.36 -25.64
N LYS A 135 -18.56 30.30 -25.91
CA LYS A 135 -19.21 31.49 -26.48
C LYS A 135 -19.38 32.56 -25.41
N THR A 136 -20.02 32.21 -24.30
CA THR A 136 -20.23 33.16 -23.22
C THR A 136 -19.13 33.11 -22.18
N GLU A 137 -18.19 32.16 -22.32
CA GLU A 137 -17.00 32.09 -21.48
C GLU A 137 -17.37 31.91 -20.01
N THR A 138 -18.08 30.83 -19.75
CA THR A 138 -18.49 30.51 -18.40
C THR A 138 -18.56 29.00 -18.23
N VAL A 139 -18.70 28.61 -16.97
CA VAL A 139 -18.84 27.19 -16.65
C VAL A 139 -20.30 26.80 -16.83
N VAL A 140 -20.57 25.87 -17.75
CA VAL A 140 -21.92 25.32 -17.86
C VAL A 140 -22.24 24.48 -16.64
N ASN A 141 -21.38 23.52 -16.34
CA ASN A 141 -21.66 22.51 -15.35
C ASN A 141 -20.34 21.95 -14.88
N ASN A 142 -20.14 21.84 -13.57
CA ASN A 142 -18.93 21.22 -13.01
C ASN A 142 -19.30 20.08 -12.07
N GLU A 143 -20.36 19.37 -12.43
CA GLU A 143 -20.81 18.18 -11.72
C GLU A 143 -20.78 17.00 -12.70
N SER A 144 -19.82 16.09 -12.52
CA SER A 144 -19.63 14.99 -13.46
C SER A 144 -20.92 14.19 -13.68
N SER A 145 -21.73 14.00 -12.63
CA SER A 145 -22.91 13.15 -12.78
C SER A 145 -23.91 13.77 -13.75
N GLU A 146 -23.92 15.10 -13.85
CA GLU A 146 -24.80 15.82 -14.77
C GLU A 146 -24.18 15.98 -16.15
N ILE A 147 -22.86 16.19 -16.21
CA ILE A 147 -22.19 16.30 -17.52
C ILE A 147 -22.42 15.02 -18.33
N ILE A 148 -22.27 13.85 -17.71
CA ILE A 148 -22.40 12.67 -18.53
C ILE A 148 -23.86 12.49 -18.95
N ARG A 149 -24.83 12.99 -18.17
CA ARG A 149 -26.23 12.90 -18.58
C ARG A 149 -26.54 13.89 -19.70
N ILE A 150 -25.96 15.10 -19.63
CA ILE A 150 -26.03 16.02 -20.76
C ILE A 150 -25.60 15.31 -22.03
N PHE A 151 -24.52 14.53 -21.95
CA PHE A 151 -23.96 13.90 -23.14
C PHE A 151 -24.86 12.80 -23.72
N ASN A 152 -25.82 12.28 -22.96
CA ASN A 152 -26.71 11.23 -23.49
C ASN A 152 -27.52 11.70 -24.68
N THR A 153 -27.98 12.96 -24.66
CA THR A 153 -28.94 13.43 -25.66
C THR A 153 -28.65 14.80 -26.25
N ALA A 154 -27.94 15.68 -25.55
CA ALA A 154 -27.93 17.09 -25.94
C ALA A 154 -27.35 17.29 -27.33
N PHE A 155 -26.47 16.38 -27.77
CA PHE A 155 -25.78 16.57 -29.03
C PHE A 155 -26.21 15.55 -30.07
N ASN A 156 -27.31 14.83 -29.86
CA ASN A 156 -27.63 13.70 -30.74
C ASN A 156 -27.81 14.13 -32.19
N GLU A 157 -28.28 15.36 -32.41
CA GLU A 157 -28.50 15.83 -33.77
C GLU A 157 -27.21 15.90 -34.56
N PHE A 158 -26.07 15.93 -33.88
CA PHE A 158 -24.79 16.05 -34.56
C PHE A 158 -24.09 14.71 -34.73
N LEU A 159 -24.74 13.61 -34.35
CA LEU A 159 -24.12 12.30 -34.30
C LEU A 159 -24.73 11.37 -35.33
N PRO A 160 -23.96 10.37 -35.80
CA PRO A 160 -24.55 9.31 -36.61
C PRO A 160 -25.55 8.52 -35.80
N ALA A 161 -26.39 7.77 -36.51
CA ALA A 161 -27.54 7.14 -35.86
C ALA A 161 -27.12 6.20 -34.74
N ASP A 162 -26.05 5.44 -34.94
CA ASP A 162 -25.70 4.45 -33.93
C ASP A 162 -25.21 5.12 -32.65
N LYS A 163 -24.45 6.22 -32.78
CA LYS A 163 -24.00 6.94 -31.58
C LYS A 163 -25.15 7.73 -30.96
N ALA A 164 -26.06 8.27 -31.78
CA ALA A 164 -27.15 9.04 -31.23
C ALA A 164 -28.04 8.18 -30.37
N ALA A 165 -28.19 6.91 -30.74
CA ALA A 165 -29.10 5.99 -30.04
C ALA A 165 -28.60 5.61 -28.66
N ILE A 166 -27.29 5.67 -28.42
CA ILE A 166 -26.77 5.27 -27.13
C ILE A 166 -27.32 6.19 -26.05
N HIS A 167 -27.69 5.59 -24.92
CA HIS A 167 -28.22 6.36 -23.81
C HIS A 167 -27.90 5.58 -22.54
N LEU A 168 -27.06 6.14 -21.71
CA LEU A 168 -26.57 5.43 -20.53
C LEU A 168 -27.43 5.66 -19.30
N TYR A 169 -28.53 6.38 -19.43
CA TYR A 169 -29.45 6.64 -18.33
C TYR A 169 -30.89 6.56 -18.86
N PRO A 170 -31.26 5.44 -19.47
CA PRO A 170 -32.57 5.35 -20.13
C PRO A 170 -33.72 5.28 -19.12
N GLU A 171 -34.85 5.85 -19.52
CA GLU A 171 -36.02 5.96 -18.65
C GLU A 171 -36.32 4.64 -17.95
N ALA A 172 -36.33 3.54 -18.69
CA ALA A 172 -36.80 2.27 -18.14
C ALA A 172 -35.90 1.78 -17.02
N LEU A 173 -34.63 2.18 -17.01
CA LEU A 173 -33.68 1.74 -16.02
C LEU A 173 -33.30 2.82 -15.00
N LYS A 174 -33.87 4.02 -15.11
CA LYS A 174 -33.40 5.14 -14.31
C LYS A 174 -33.51 4.83 -12.80
N SER A 175 -34.65 4.29 -12.36
CA SER A 175 -34.83 4.12 -10.93
C SER A 175 -33.83 3.11 -10.39
N GLU A 176 -33.62 2.03 -11.12
CA GLU A 176 -32.66 1.00 -10.71
C GLU A 176 -31.24 1.56 -10.69
N ILE A 177 -30.88 2.34 -11.72
CA ILE A 177 -29.58 2.98 -11.75
C ILE A 177 -29.40 3.90 -10.55
N ASP A 178 -30.41 4.75 -10.26
CA ASP A 178 -30.33 5.68 -9.15
C ASP A 178 -30.11 4.96 -7.83
N GLU A 179 -30.77 3.81 -7.68
CA GLU A 179 -30.69 3.07 -6.42
C GLU A 179 -29.27 2.56 -6.18
N ILE A 180 -28.66 1.96 -7.21
CA ILE A 180 -27.32 1.42 -7.02
C ILE A 180 -26.30 2.56 -6.98
N ASN A 181 -26.52 3.61 -7.76
CA ASN A 181 -25.65 4.78 -7.73
C ASN A 181 -25.57 5.36 -6.32
N GLU A 182 -26.67 5.34 -5.59
CA GLU A 182 -26.70 6.05 -4.33
C GLU A 182 -25.68 5.47 -3.35
N TRP A 183 -25.65 4.16 -3.21
CA TRP A 183 -24.69 3.59 -2.28
C TRP A 183 -23.32 3.37 -2.90
N VAL A 184 -23.21 3.19 -4.21
CA VAL A 184 -21.87 3.18 -4.81
C VAL A 184 -21.20 4.54 -4.62
N TYR A 185 -21.94 5.62 -4.89
CA TYR A 185 -21.39 6.96 -4.72
C TYR A 185 -20.91 7.17 -3.29
N ASP A 186 -21.79 6.91 -2.31
CA ASP A 186 -21.49 7.25 -0.93
C ASP A 186 -20.36 6.39 -0.37
N THR A 187 -20.39 5.07 -0.64
CA THR A 187 -19.48 4.16 0.06
C THR A 187 -18.30 3.70 -0.77
N VAL A 188 -18.30 3.93 -2.08
CA VAL A 188 -17.23 3.45 -2.95
C VAL A 188 -16.57 4.62 -3.68
N ASN A 189 -17.33 5.37 -4.49
CA ASN A 189 -16.73 6.50 -5.21
C ASN A 189 -16.14 7.50 -4.23
N ASN A 190 -16.93 7.92 -3.22
CA ASN A 190 -16.44 8.81 -2.17
C ASN A 190 -15.75 8.04 -1.07
N GLY A 191 -16.10 6.76 -0.93
CA GLY A 191 -15.57 5.95 0.15
C GLY A 191 -14.05 5.86 0.13
N VAL A 192 -13.45 5.71 -1.04
CA VAL A 192 -11.99 5.60 -1.09
C VAL A 192 -11.35 6.88 -0.57
N TYR A 193 -11.97 8.03 -0.85
CA TYR A 193 -11.43 9.27 -0.34
C TYR A 193 -11.69 9.42 1.15
N LYS A 194 -12.87 9.00 1.61
CA LYS A 194 -13.13 9.08 3.03
C LYS A 194 -12.08 8.29 3.81
N ALA A 195 -11.65 7.15 3.26
CA ALA A 195 -10.60 6.34 3.88
C ALA A 195 -9.23 7.00 3.72
N GLY A 196 -8.91 7.43 2.50
CA GLY A 196 -7.56 7.88 2.22
C GLY A 196 -7.22 9.22 2.84
N PHE A 197 -8.21 10.09 3.00
CA PHE A 197 -8.00 11.42 3.56
C PHE A 197 -8.37 11.50 5.03
N ALA A 198 -8.82 10.40 5.63
CA ALA A 198 -9.01 10.33 7.06
C ALA A 198 -7.70 10.65 7.78
N THR A 199 -7.79 11.40 8.87
CA THR A 199 -6.61 11.77 9.64
C THR A 199 -6.67 11.19 11.05
N THR A 200 -7.67 10.38 11.34
CA THR A 200 -7.70 9.60 12.57
C THR A 200 -7.93 8.14 12.21
N GLN A 201 -7.46 7.27 13.09
CA GLN A 201 -7.72 5.83 12.94
C GLN A 201 -9.20 5.56 12.89
N GLN A 202 -9.96 6.22 13.77
CA GLN A 202 -11.40 5.99 13.87
C GLN A 202 -12.08 6.36 12.56
N ALA A 203 -11.73 7.50 11.98
CA ALA A 203 -12.37 7.90 10.74
C ALA A 203 -11.96 6.98 9.60
N TYR A 204 -10.70 6.57 9.58
CA TYR A 204 -10.24 5.68 8.52
C TYR A 204 -11.05 4.39 8.54
N GLU A 205 -11.21 3.79 9.73
CA GLU A 205 -11.88 2.49 9.83
C GLU A 205 -13.37 2.63 9.50
N ALA A 206 -13.99 3.75 9.93
CA ALA A 206 -15.39 4.00 9.63
C ALA A 206 -15.67 4.12 8.14
N ALA A 207 -14.66 4.46 7.35
CA ALA A 207 -14.81 4.57 5.90
C ALA A 207 -14.42 3.29 5.18
N VAL A 208 -13.32 2.66 5.58
CA VAL A 208 -12.79 1.55 4.80
C VAL A 208 -13.65 0.31 4.97
N ILE A 209 -14.31 0.14 6.12
CA ILE A 209 -15.13 -1.05 6.30
C ILE A 209 -16.36 -0.99 5.38
N PRO A 210 -17.16 0.07 5.40
CA PRO A 210 -18.30 0.14 4.44
C PRO A 210 -17.86 0.08 2.99
N LEU A 211 -16.67 0.59 2.67
CA LEU A 211 -16.16 0.44 1.32
C LEU A 211 -16.05 -1.02 0.93
N PHE A 212 -15.41 -1.83 1.76
CA PHE A 212 -15.22 -3.22 1.39
C PHE A 212 -16.50 -4.04 1.55
N GLU A 213 -17.42 -3.64 2.45
CA GLU A 213 -18.74 -4.26 2.46
C GLU A 213 -19.46 -4.01 1.14
N SER A 214 -19.35 -2.80 0.60
CA SER A 214 -20.00 -2.52 -0.67
C SER A 214 -19.31 -3.25 -1.82
N LEU A 215 -17.99 -3.40 -1.78
CA LEU A 215 -17.35 -4.25 -2.78
C LEU A 215 -17.83 -5.70 -2.66
N ASP A 216 -17.99 -6.21 -1.44
CA ASP A 216 -18.54 -7.57 -1.29
C ASP A 216 -19.90 -7.67 -1.96
N ARG A 217 -20.70 -6.62 -1.82
CA ARG A 217 -22.04 -6.59 -2.40
C ARG A 217 -21.99 -6.49 -3.92
N LEU A 218 -21.12 -5.61 -4.43
CA LEU A 218 -20.96 -5.48 -5.87
C LEU A 218 -20.49 -6.80 -6.46
N GLU A 219 -19.62 -7.50 -5.73
CA GLU A 219 -19.10 -8.78 -6.21
C GLU A 219 -20.24 -9.77 -6.43
N LYS A 220 -21.20 -9.80 -5.51
CA LYS A 220 -22.38 -10.64 -5.67
C LYS A 220 -23.24 -10.20 -6.84
N ILE A 221 -23.50 -8.89 -6.92
CA ILE A 221 -24.34 -8.36 -7.97
C ILE A 221 -23.76 -8.70 -9.34
N LEU A 222 -22.43 -8.66 -9.46
CA LEU A 222 -21.76 -8.87 -10.75
C LEU A 222 -21.42 -10.32 -11.04
N THR A 223 -21.70 -11.23 -10.13
CA THR A 223 -21.40 -12.64 -10.36
C THR A 223 -22.21 -13.15 -11.55
N GLY A 224 -21.52 -13.56 -12.59
CA GLY A 224 -22.21 -14.04 -13.78
C GLY A 224 -22.79 -12.94 -14.65
N LYS A 225 -22.41 -11.68 -14.43
CA LYS A 225 -22.97 -10.58 -15.19
C LYS A 225 -21.87 -9.71 -15.79
N ASP A 226 -22.16 -9.12 -16.94
CA ASP A 226 -21.23 -8.19 -17.55
C ASP A 226 -21.50 -6.73 -17.18
N TYR A 227 -22.69 -6.42 -16.66
CA TYR A 227 -23.10 -5.04 -16.37
C TYR A 227 -23.88 -5.01 -15.07
N LEU A 228 -23.81 -3.85 -14.38
CA LEU A 228 -24.50 -3.70 -13.11
C LEU A 228 -26.01 -3.72 -13.26
N VAL A 229 -26.55 -3.14 -14.33
CA VAL A 229 -27.97 -2.88 -14.47
C VAL A 229 -28.43 -3.29 -15.86
N GLY A 230 -29.50 -4.09 -15.92
CA GLY A 230 -30.20 -4.29 -17.18
C GLY A 230 -29.45 -5.05 -18.25
N ASP A 231 -28.35 -5.70 -17.90
CA ASP A 231 -27.53 -6.46 -18.86
C ASP A 231 -27.11 -5.61 -20.05
N GLN A 232 -26.93 -4.32 -19.82
CA GLN A 232 -26.35 -3.43 -20.82
C GLN A 232 -25.52 -2.38 -20.13
N LEU A 233 -24.62 -1.77 -20.88
CA LEU A 233 -23.80 -0.68 -20.34
C LEU A 233 -24.69 0.49 -19.94
N THR A 234 -24.54 0.94 -18.69
CA THR A 234 -25.18 2.15 -18.22
C THR A 234 -24.17 3.03 -17.51
N GLU A 235 -24.63 4.22 -17.14
CA GLU A 235 -23.77 5.12 -16.37
C GLU A 235 -23.38 4.52 -15.01
N ALA A 236 -24.16 3.58 -14.48
CA ALA A 236 -23.75 2.95 -13.22
C ALA A 236 -22.40 2.25 -13.41
N ASP A 237 -22.23 1.59 -14.55
CA ASP A 237 -20.93 0.98 -14.88
C ASP A 237 -19.84 2.02 -14.99
N VAL A 238 -20.10 3.11 -15.73
CA VAL A 238 -19.08 4.15 -15.89
C VAL A 238 -18.66 4.70 -14.54
N ARG A 239 -19.63 5.02 -13.69
CA ARG A 239 -19.36 5.64 -12.39
C ARG A 239 -18.60 4.69 -11.47
N LEU A 240 -18.91 3.40 -11.49
CA LEU A 240 -18.12 2.45 -10.70
C LEU A 240 -16.72 2.29 -11.29
N PHE A 241 -16.63 2.19 -12.61
CA PHE A 241 -15.38 1.84 -13.26
C PHE A 241 -14.26 2.80 -12.88
N VAL A 242 -14.56 4.10 -12.84
CA VAL A 242 -13.49 5.07 -12.64
C VAL A 242 -12.87 4.90 -11.26
N THR A 243 -13.62 4.38 -10.28
CA THR A 243 -13.01 4.07 -8.99
C THR A 243 -12.24 2.75 -9.06
N ILE A 244 -12.86 1.70 -9.60
CA ILE A 244 -12.27 0.38 -9.54
C ILE A 244 -10.98 0.31 -10.36
N ILE A 245 -10.90 1.03 -11.49
CA ILE A 245 -9.69 0.98 -12.30
C ILE A 245 -8.49 1.60 -11.58
N ARG A 246 -8.73 2.51 -10.63
CA ARG A 246 -7.70 3.17 -9.85
C ARG A 246 -7.39 2.41 -8.56
N PHE A 247 -8.13 1.35 -8.28
CA PHE A 247 -8.08 0.73 -6.97
C PHE A 247 -6.74 0.04 -6.73
N ASP A 248 -6.40 -0.96 -7.55
CA ASP A 248 -5.16 -1.68 -7.30
C ASP A 248 -3.97 -0.75 -7.56
N PRO A 249 -4.01 0.09 -8.60
CA PRO A 249 -2.83 0.95 -8.88
C PRO A 249 -2.58 2.07 -7.88
N ALA A 250 -3.56 2.50 -7.10
CA ALA A 250 -3.33 3.66 -6.23
C ALA A 250 -4.07 3.59 -4.91
N TYR A 251 -5.35 3.19 -4.91
CA TYR A 251 -6.13 3.30 -3.68
C TYR A 251 -5.68 2.29 -2.64
N VAL A 252 -5.34 1.07 -3.06
CA VAL A 252 -4.88 0.04 -2.12
C VAL A 252 -3.72 0.56 -1.28
N GLY A 253 -2.69 1.09 -1.93
CA GLY A 253 -1.53 1.56 -1.19
C GLY A 253 -1.70 2.96 -0.61
N HIS A 254 -1.85 3.94 -1.50
CA HIS A 254 -1.88 5.34 -1.09
C HIS A 254 -3.05 5.64 -0.14
N PHE A 255 -4.25 5.16 -0.46
CA PHE A 255 -5.42 5.40 0.38
C PHE A 255 -5.68 4.28 1.38
N LYS A 256 -4.72 3.36 1.53
CA LYS A 256 -4.82 2.31 2.54
C LYS A 256 -6.12 1.50 2.40
N CYS A 257 -6.66 1.37 1.18
CA CYS A 257 -7.83 0.54 0.97
C CYS A 257 -7.37 -0.88 0.62
N ASN A 258 -6.83 -1.56 1.63
CA ASN A 258 -6.02 -2.75 1.34
C ASN A 258 -6.52 -4.03 2.01
N LEU A 259 -7.78 -4.11 2.41
CA LEU A 259 -8.26 -5.37 2.98
C LEU A 259 -8.06 -6.51 2.00
N ARG A 260 -8.32 -6.24 0.72
CA ARG A 260 -7.94 -7.12 -0.37
C ARG A 260 -7.91 -6.27 -1.64
N THR A 261 -7.34 -6.84 -2.69
CA THR A 261 -7.28 -6.15 -3.98
C THR A 261 -8.43 -6.59 -4.86
N ILE A 262 -8.66 -5.82 -5.93
CA ILE A 262 -9.62 -6.24 -6.93
C ILE A 262 -9.14 -7.53 -7.60
N ARG A 263 -7.89 -7.54 -8.05
CA ARG A 263 -7.45 -8.62 -8.92
C ARG A 263 -7.38 -9.93 -8.17
N ASP A 264 -7.09 -9.90 -6.88
CA ASP A 264 -6.97 -11.12 -6.11
C ASP A 264 -8.14 -11.39 -5.18
N GLY A 265 -8.98 -10.40 -4.92
CA GLY A 265 -10.02 -10.60 -3.93
C GLY A 265 -11.44 -10.60 -4.47
N TYR A 266 -11.64 -10.08 -5.68
CA TYR A 266 -12.99 -9.85 -6.21
C TYR A 266 -13.07 -10.29 -7.66
N PRO A 267 -13.26 -11.59 -7.90
CA PRO A 267 -13.16 -12.07 -9.29
C PRO A 267 -14.28 -11.58 -10.21
N ALA A 268 -15.52 -11.48 -9.71
CA ALA A 268 -16.60 -10.96 -10.55
C ALA A 268 -16.36 -9.49 -10.91
N ILE A 269 -15.92 -8.69 -9.95
CA ILE A 269 -15.62 -7.30 -10.25
C ILE A 269 -14.44 -7.24 -11.20
N HIS A 270 -13.43 -8.05 -10.92
CA HIS A 270 -12.23 -8.08 -11.76
C HIS A 270 -12.57 -8.41 -13.21
N LEU A 271 -13.50 -9.35 -13.41
CA LEU A 271 -13.86 -9.75 -14.76
C LEU A 271 -14.64 -8.65 -15.46
N TRP A 272 -15.61 -8.08 -14.74
CA TRP A 272 -16.39 -6.93 -15.23
C TRP A 272 -15.46 -5.77 -15.61
N LEU A 273 -14.46 -5.50 -14.77
CA LEU A 273 -13.51 -4.42 -14.99
C LEU A 273 -12.68 -4.63 -16.25
N ARG A 274 -12.11 -5.82 -16.36
CA ARG A 274 -11.28 -6.14 -17.52
C ARG A 274 -12.08 -6.17 -18.82
N LYS A 275 -13.33 -6.65 -18.78
CA LYS A 275 -14.14 -6.60 -20.00
C LYS A 275 -14.40 -5.16 -20.43
N LEU A 276 -14.70 -4.28 -19.47
CA LEU A 276 -14.89 -2.88 -19.84
C LEU A 276 -13.60 -2.29 -20.41
N TYR A 277 -12.50 -2.51 -19.72
CA TYR A 277 -11.24 -1.88 -20.12
C TYR A 277 -10.74 -2.43 -21.44
N TRP A 278 -10.68 -3.76 -21.58
CA TRP A 278 -10.02 -4.35 -22.75
C TRP A 278 -10.93 -4.41 -23.98
N ASN A 279 -12.25 -4.44 -23.79
CA ASN A 279 -13.15 -4.60 -24.94
C ASN A 279 -13.86 -3.31 -25.36
N ASN A 280 -13.71 -2.22 -24.61
CA ASN A 280 -14.33 -0.94 -24.97
C ASN A 280 -13.27 0.15 -24.90
N SER A 281 -12.81 0.60 -26.07
CA SER A 281 -11.75 1.61 -26.14
C SER A 281 -12.11 2.91 -25.43
N ALA A 282 -13.39 3.22 -25.24
CA ALA A 282 -13.74 4.41 -24.45
C ALA A 282 -13.18 4.34 -23.04
N PHE A 283 -13.03 3.14 -22.51
CA PHE A 283 -12.56 2.93 -21.15
C PHE A 283 -11.06 2.87 -21.04
N SER A 284 -10.37 2.33 -22.06
CA SER A 284 -8.92 2.19 -22.00
C SER A 284 -8.20 3.44 -22.52
N GLU A 285 -8.72 4.08 -23.56
CA GLU A 285 -8.03 5.22 -24.17
C GLU A 285 -8.09 6.45 -23.28
N THR A 286 -9.04 6.50 -22.33
CA THR A 286 -9.17 7.59 -21.39
C THR A 286 -8.49 7.27 -20.06
N CYS A 287 -7.86 6.10 -19.95
CA CYS A 287 -7.26 5.63 -18.71
C CYS A 287 -5.75 5.79 -18.83
N LYS A 288 -5.21 6.75 -18.09
CA LYS A 288 -3.77 7.05 -18.10
C LYS A 288 -3.22 6.73 -16.72
N PHE A 289 -2.65 5.54 -16.58
CA PHE A 289 -2.22 5.10 -15.26
C PHE A 289 -1.05 5.93 -14.75
N ASP A 290 -0.24 6.48 -15.67
CA ASP A 290 0.83 7.35 -15.21
C ASP A 290 0.29 8.64 -14.61
N HIS A 291 -0.74 9.23 -15.22
CA HIS A 291 -1.39 10.39 -14.61
C HIS A 291 -1.98 10.03 -13.26
N ILE A 292 -2.68 8.90 -13.21
CA ILE A 292 -3.32 8.44 -11.99
C ILE A 292 -2.30 8.32 -10.87
N LYS A 293 -1.25 7.55 -11.09
CA LYS A 293 -0.30 7.30 -9.99
C LYS A 293 0.45 8.57 -9.61
N ALA A 294 0.78 9.41 -10.60
CA ALA A 294 1.55 10.63 -10.28
C ALA A 294 0.73 11.58 -9.43
N SER A 295 -0.56 11.70 -9.71
CA SER A 295 -1.40 12.62 -8.97
C SER A 295 -1.52 12.19 -7.51
N TYR A 296 -1.90 10.94 -7.29
CA TYR A 296 -2.10 10.48 -5.92
C TYR A 296 -0.80 10.53 -5.14
N TYR A 297 0.30 10.01 -5.71
CA TYR A 297 1.49 9.89 -4.89
C TYR A 297 2.25 11.19 -4.75
N ALA A 298 1.84 12.24 -5.46
CA ALA A 298 2.36 13.58 -5.20
C ALA A 298 1.63 14.31 -4.09
N GLN A 299 0.65 13.68 -3.43
CA GLN A 299 -0.07 14.32 -2.34
C GLN A 299 0.81 14.26 -1.10
N LYS A 300 1.49 15.38 -0.80
CA LYS A 300 2.54 15.41 0.20
C LYS A 300 2.01 15.20 1.62
N ASN A 301 0.76 15.58 1.88
CA ASN A 301 0.19 15.41 3.20
C ASN A 301 -0.03 13.94 3.53
N VAL A 302 -0.09 13.08 2.52
CA VAL A 302 -0.24 11.65 2.69
C VAL A 302 1.07 10.91 2.41
N ASN A 303 1.82 11.35 1.39
CA ASN A 303 3.02 10.68 0.91
C ASN A 303 4.16 11.68 0.83
N PRO A 304 4.68 12.13 1.97
CA PRO A 304 5.65 13.24 1.94
C PRO A 304 6.92 12.91 1.20
N THR A 305 7.30 11.64 1.08
CA THR A 305 8.50 11.33 0.30
C THR A 305 8.31 11.59 -1.18
N LEU A 306 7.05 11.68 -1.64
CA LEU A 306 6.69 11.91 -3.03
C LEU A 306 7.08 10.77 -3.98
N VAL A 307 7.56 9.65 -3.45
CA VAL A 307 7.93 8.52 -4.31
C VAL A 307 6.69 7.85 -4.86
N VAL A 308 6.76 7.42 -6.11
CA VAL A 308 5.69 6.74 -6.80
C VAL A 308 6.06 5.25 -6.87
N PRO A 309 5.30 4.35 -6.26
CA PRO A 309 5.67 2.93 -6.33
C PRO A 309 5.65 2.40 -7.74
N LEU A 310 6.55 1.45 -8.03
CA LEU A 310 6.62 0.89 -9.37
C LEU A 310 5.52 -0.12 -9.65
N GLY A 311 4.95 -0.73 -8.61
CA GLY A 311 3.83 -1.64 -8.82
C GLY A 311 2.48 -1.00 -8.59
N PRO A 312 1.40 -1.79 -8.70
CA PRO A 312 1.45 -3.20 -9.07
C PRO A 312 1.77 -3.38 -10.53
N ILE A 313 2.36 -4.52 -10.86
CA ILE A 313 2.60 -4.87 -12.25
C ILE A 313 1.72 -6.07 -12.63
N PRO A 314 0.87 -5.92 -13.64
CA PRO A 314 0.59 -4.76 -14.49
C PRO A 314 -0.47 -3.87 -13.85
N ASN A 315 -0.71 -2.72 -14.47
CA ASN A 315 -1.77 -1.84 -13.98
C ASN A 315 -3.14 -2.51 -14.02
N ILE A 316 -3.41 -3.28 -15.08
CA ILE A 316 -4.63 -4.09 -15.14
C ILE A 316 -4.28 -5.37 -15.88
N LEU A 317 -4.63 -6.50 -15.28
CA LEU A 317 -4.32 -7.78 -15.89
C LEU A 317 -5.11 -7.99 -17.18
N PRO A 318 -4.53 -8.69 -18.16
CA PRO A 318 -5.27 -9.06 -19.37
C PRO A 318 -6.43 -9.99 -19.09
N LEU A 319 -7.31 -10.09 -20.08
CA LEU A 319 -8.23 -11.22 -20.17
C LEU A 319 -7.44 -12.44 -20.68
N SER B 29 26.78 -3.02 14.12
CA SER B 29 26.62 -3.42 15.52
C SER B 29 28.02 -3.64 16.20
N THR B 30 28.19 -3.15 17.45
CA THR B 30 29.53 -2.98 18.04
C THR B 30 29.78 -3.80 19.30
N PHE B 31 28.78 -4.50 19.84
CA PHE B 31 29.00 -5.51 20.88
C PHE B 31 28.93 -6.85 20.21
N ARG B 32 30.06 -7.53 20.10
CA ARG B 32 30.16 -8.68 19.22
C ARG B 32 30.90 -9.81 19.94
N ARG B 33 30.51 -10.07 21.18
CA ARG B 33 31.10 -11.14 21.97
C ARG B 33 30.22 -12.39 21.90
N PHE B 34 30.81 -13.50 22.30
CA PHE B 34 30.18 -14.80 22.24
C PHE B 34 30.16 -15.41 23.63
N ILE B 35 29.47 -16.54 23.73
CA ILE B 35 29.25 -17.21 25.00
C ILE B 35 29.93 -18.57 24.90
N GLU B 36 31.04 -18.73 25.62
CA GLU B 36 31.92 -19.89 25.41
C GLU B 36 32.50 -20.37 26.73
N LYS B 37 32.62 -21.68 26.88
CA LYS B 37 33.26 -22.23 28.07
C LYS B 37 34.67 -21.68 28.21
N GLY B 38 34.98 -21.15 29.38
CA GLY B 38 36.27 -20.58 29.64
C GLY B 38 36.43 -19.15 29.19
N GLY B 39 35.43 -18.57 28.53
CA GLY B 39 35.53 -17.23 28.00
C GLY B 39 34.99 -16.18 28.95
N GLU B 40 34.85 -14.98 28.40
CA GLU B 40 34.35 -13.88 29.19
C GLU B 40 32.94 -14.15 29.67
N PHE B 41 32.14 -14.79 28.83
CA PHE B 41 30.71 -15.01 29.08
C PHE B 41 30.47 -16.51 29.04
N GLU B 42 30.53 -17.12 30.22
CA GLU B 42 30.38 -18.56 30.34
C GLU B 42 28.93 -18.97 30.06
N PRO B 43 28.70 -20.09 29.37
CA PRO B 43 27.35 -20.63 29.23
C PRO B 43 26.73 -20.95 30.59
N GLU B 44 25.58 -20.34 30.86
CA GLU B 44 24.86 -20.50 32.13
C GLU B 44 23.38 -20.33 31.86
N LYS B 45 22.58 -20.97 32.71
CA LYS B 45 21.14 -20.83 32.68
C LYS B 45 20.71 -19.71 33.63
N GLY B 46 19.79 -18.88 33.16
CA GLY B 46 19.31 -17.80 34.02
C GLY B 46 20.20 -16.58 34.06
N ARG B 47 21.19 -16.48 33.19
CA ARG B 47 22.15 -15.37 33.24
C ARG B 47 21.96 -14.37 32.12
N TYR B 48 21.66 -14.85 30.93
CA TYR B 48 21.54 -14.03 29.74
C TYR B 48 20.07 -13.80 29.38
N HIS B 49 19.81 -12.64 28.79
CA HIS B 49 18.46 -12.13 28.61
C HIS B 49 18.41 -11.36 27.31
N LEU B 50 17.33 -11.57 26.55
CA LEU B 50 17.10 -10.87 25.30
C LEU B 50 16.13 -9.71 25.50
N TYR B 51 16.50 -8.55 24.97
CA TYR B 51 15.59 -7.43 24.87
C TYR B 51 15.28 -7.21 23.40
N VAL B 52 13.99 -7.22 23.06
CA VAL B 52 13.58 -7.27 21.66
C VAL B 52 12.29 -6.49 21.49
N ALA B 53 12.03 -6.12 20.25
CA ALA B 53 10.74 -5.64 19.81
C ALA B 53 10.17 -6.67 18.84
N TYR B 54 8.91 -7.04 19.02
CA TYR B 54 8.25 -7.97 18.10
C TYR B 54 8.17 -7.42 16.68
N SER B 55 8.20 -6.11 16.50
CA SER B 55 8.13 -5.55 15.16
C SER B 55 9.44 -5.73 14.40
N CYS B 56 10.56 -5.86 15.11
CA CYS B 56 11.87 -5.83 14.45
C CYS B 56 12.24 -7.20 13.87
N PRO B 57 12.44 -7.32 12.54
CA PRO B 57 12.73 -8.65 11.99
C PRO B 57 14.04 -9.21 12.47
N TRP B 58 15.05 -8.35 12.66
CA TRP B 58 16.33 -8.82 13.16
C TRP B 58 16.18 -9.40 14.55
N ALA B 59 15.46 -8.70 15.43
CA ALA B 59 15.23 -9.23 16.76
C ALA B 59 14.36 -10.47 16.71
N THR B 60 13.37 -10.51 15.81
CA THR B 60 12.53 -11.69 15.75
C THR B 60 13.32 -12.94 15.38
N ARG B 61 14.40 -12.78 14.60
CA ARG B 61 15.29 -13.92 14.37
C ARG B 61 15.65 -14.59 15.68
N THR B 62 16.06 -13.78 16.66
CA THR B 62 16.53 -14.35 17.90
C THR B 62 15.39 -14.98 18.68
N LEU B 63 14.19 -14.42 18.59
CA LEU B 63 13.04 -15.04 19.23
C LEU B 63 12.70 -16.39 18.62
N ILE B 64 12.72 -16.47 17.28
CA ILE B 64 12.40 -17.72 16.61
C ILE B 64 13.38 -18.81 17.04
N VAL B 65 14.68 -18.50 16.99
CA VAL B 65 15.69 -19.51 17.30
C VAL B 65 15.65 -19.87 18.77
N ARG B 66 15.37 -18.90 19.62
CA ARG B 66 15.17 -19.20 21.04
C ARG B 66 14.13 -20.30 21.23
N LYS B 67 12.98 -20.19 20.53
CA LYS B 67 11.95 -21.22 20.64
C LYS B 67 12.36 -22.51 19.92
N ILE B 68 12.96 -22.42 18.74
CA ILE B 68 13.41 -23.64 18.03
C ILE B 68 14.30 -24.50 18.93
N LYS B 69 15.22 -23.86 19.64
CA LYS B 69 16.20 -24.55 20.46
C LYS B 69 15.71 -24.82 21.88
N GLY B 70 14.47 -24.44 22.21
CA GLY B 70 13.95 -24.75 23.53
C GLY B 70 14.61 -23.98 24.64
N LEU B 71 15.03 -22.74 24.38
CA LEU B 71 15.81 -21.95 25.31
C LEU B 71 14.96 -21.08 26.22
N GLU B 72 13.64 -21.26 26.25
CA GLU B 72 12.77 -20.27 26.90
C GLU B 72 13.06 -20.14 28.39
N GLU B 73 13.43 -21.23 29.04
CA GLU B 73 13.70 -21.16 30.48
C GLU B 73 15.19 -21.02 30.78
N ILE B 74 16.00 -20.80 29.76
CA ILE B 74 17.44 -20.68 29.90
C ILE B 74 17.90 -19.25 29.64
N VAL B 75 17.31 -18.61 28.62
CA VAL B 75 17.54 -17.24 28.23
C VAL B 75 16.20 -16.51 28.35
N GLY B 76 16.16 -15.48 29.20
CA GLY B 76 14.93 -14.71 29.37
C GLY B 76 14.70 -13.77 28.20
N VAL B 77 13.50 -13.20 28.14
CA VAL B 77 13.13 -12.23 27.11
C VAL B 77 12.27 -11.13 27.71
N THR B 78 12.51 -9.91 27.26
CA THR B 78 11.63 -8.79 27.56
C THR B 78 11.26 -8.13 26.25
N ILE B 79 9.97 -7.88 26.09
CA ILE B 79 9.37 -7.29 24.89
C ILE B 79 9.23 -5.80 25.12
N VAL B 80 9.89 -5.00 24.28
CA VAL B 80 9.74 -3.54 24.36
C VAL B 80 8.47 -3.11 23.63
N SER B 81 8.06 -1.86 23.85
CA SER B 81 6.92 -1.33 23.13
C SER B 81 7.26 -1.17 21.65
N PRO B 82 6.34 -1.50 20.74
CA PRO B 82 6.62 -1.29 19.33
C PRO B 82 6.53 0.17 18.92
N LEU B 83 6.10 1.05 19.82
CA LEU B 83 5.87 2.46 19.52
C LEU B 83 7.18 3.21 19.72
N PHE B 84 8.03 3.12 18.69
CA PHE B 84 9.33 3.76 18.71
C PHE B 84 9.18 5.24 18.96
N SER B 85 10.08 5.83 19.73
CA SER B 85 9.90 7.19 20.21
C SER B 85 11.13 8.03 19.90
N ALA B 86 11.04 9.31 20.28
CA ALA B 86 12.19 10.20 20.18
C ALA B 86 13.36 9.72 21.01
N HIS B 87 13.12 8.90 22.04
CA HIS B 87 14.22 8.37 22.84
C HIS B 87 14.54 6.92 22.50
N GLY B 88 14.02 6.42 21.38
CA GLY B 88 14.26 5.04 20.98
C GLY B 88 13.16 4.11 21.42
N TRP B 89 13.51 2.84 21.58
CA TRP B 89 12.52 1.84 22.00
C TRP B 89 12.11 2.06 23.46
N PRO B 90 10.84 2.37 23.74
CA PRO B 90 10.40 2.43 25.13
C PRO B 90 10.02 1.06 25.66
N PHE B 91 10.06 0.94 26.97
CA PHE B 91 9.48 -0.21 27.63
C PHE B 91 7.96 -0.04 27.77
N GLY B 92 7.30 -1.16 28.06
CA GLY B 92 5.84 -1.21 27.99
C GLY B 92 5.14 -0.35 29.01
N ASP B 93 5.79 -0.07 30.14
CA ASP B 93 5.18 0.83 31.11
C ASP B 93 5.27 2.28 30.67
N VAL B 94 6.28 2.60 29.87
CA VAL B 94 6.44 3.95 29.33
C VAL B 94 5.47 4.18 28.18
N SER B 95 5.36 3.21 27.25
CA SER B 95 4.53 3.35 26.05
CA SER B 95 4.52 3.35 26.05
C SER B 95 3.70 2.08 25.92
N PRO B 96 2.59 2.00 26.64
CA PRO B 96 1.85 0.74 26.71
C PRO B 96 1.35 0.27 25.36
N PHE B 97 1.35 -1.04 25.21
CA PHE B 97 0.90 -1.71 23.98
C PHE B 97 0.73 -3.16 24.36
N PRO B 98 -0.35 -3.83 23.94
CA PRO B 98 -0.58 -5.20 24.41
C PRO B 98 0.60 -6.11 24.14
N GLY B 99 1.10 -6.77 25.20
CA GLY B 99 2.24 -7.65 25.09
C GLY B 99 3.58 -6.98 25.34
N ALA B 100 3.65 -5.65 25.33
CA ALA B 100 4.88 -4.95 25.67
C ALA B 100 5.05 -4.94 27.17
N GLU B 101 6.29 -5.05 27.63
CA GLU B 101 6.59 -5.34 29.02
C GLU B 101 7.46 -4.24 29.63
N ALA B 102 7.35 -4.07 30.94
CA ALA B 102 8.34 -3.28 31.66
C ALA B 102 9.66 -4.04 31.76
N ASP B 103 10.75 -3.28 31.86
CA ASP B 103 12.07 -3.86 32.12
C ASP B 103 12.07 -4.53 33.48
N PRO B 104 12.38 -5.82 33.58
CA PRO B 104 12.35 -6.49 34.88
C PRO B 104 13.51 -6.15 35.81
N PHE B 105 14.60 -5.56 35.32
CA PHE B 105 15.83 -5.55 36.12
C PHE B 105 16.32 -4.19 36.57
N TYR B 106 16.15 -3.12 35.77
CA TYR B 106 16.81 -1.86 36.09
C TYR B 106 15.85 -0.67 36.02
N ASN B 107 14.55 -0.93 35.96
CA ASN B 107 13.55 0.12 35.80
C ASN B 107 13.90 0.99 34.58
N ALA B 108 14.50 0.35 33.57
CA ALA B 108 14.85 1.06 32.35
C ALA B 108 13.61 1.64 31.72
N GLN B 109 13.73 2.85 31.18
CA GLN B 109 12.62 3.50 30.50
C GLN B 109 12.69 3.29 28.99
N TYR B 110 13.90 3.27 28.44
CA TYR B 110 14.16 3.06 27.03
C TYR B 110 15.37 2.15 26.89
N VAL B 111 15.49 1.52 25.72
CA VAL B 111 16.58 0.59 25.50
C VAL B 111 17.94 1.28 25.67
N ARG B 112 18.03 2.57 25.35
CA ARG B 112 19.31 3.27 25.54
C ARG B 112 19.79 3.18 26.97
N ASP B 113 18.88 3.04 27.95
CA ASP B 113 19.31 2.96 29.35
C ASP B 113 20.14 1.71 29.61
N LEU B 114 19.86 0.63 28.87
CA LEU B 114 20.66 -0.59 29.03
C LEU B 114 22.06 -0.37 28.46
N TYR B 115 22.11 0.18 27.25
CA TYR B 115 23.40 0.45 26.63
C TYR B 115 24.25 1.36 27.51
N LEU B 116 23.63 2.38 28.10
CA LEU B 116 24.41 3.33 28.89
C LEU B 116 24.80 2.76 30.25
N ARG B 117 24.02 1.82 30.79
CA ARG B 117 24.48 1.05 31.95
C ARG B 117 25.69 0.20 31.58
N ALA B 118 25.67 -0.41 30.40
CA ALA B 118 26.81 -1.21 29.94
C ALA B 118 28.03 -0.34 29.72
N ASP B 119 27.85 0.80 29.07
CA ASP B 119 28.98 1.66 28.69
C ASP B 119 28.47 3.08 28.63
N PRO B 120 28.71 3.88 29.67
CA PRO B 120 28.21 5.26 29.67
C PRO B 120 28.67 6.08 28.48
N LYS B 121 29.79 5.71 27.87
CA LYS B 121 30.34 6.44 26.75
C LYS B 121 29.99 5.81 25.42
N TYR B 122 29.07 4.85 25.42
CA TYR B 122 28.65 4.22 24.18
C TYR B 122 28.18 5.28 23.21
N GLU B 123 28.65 5.17 21.95
CA GLU B 123 28.28 6.11 20.90
C GLU B 123 27.66 5.42 19.70
N GLY B 124 27.21 4.17 19.86
CA GLY B 124 26.54 3.44 18.81
C GLY B 124 25.04 3.66 18.84
N ARG B 125 24.36 2.89 17.98
CA ARG B 125 22.91 2.92 17.94
C ARG B 125 22.33 2.02 19.02
N PHE B 126 21.19 2.43 19.54
CA PHE B 126 20.55 1.74 20.66
C PHE B 126 19.56 0.70 20.10
N THR B 127 20.12 -0.30 19.42
CA THR B 127 19.30 -1.22 18.66
C THR B 127 18.84 -2.44 19.48
N VAL B 128 17.68 -2.98 19.08
CA VAL B 128 17.28 -4.35 19.39
C VAL B 128 17.62 -5.24 18.17
N PRO B 129 18.01 -6.50 18.41
CA PRO B 129 18.06 -7.21 19.69
C PRO B 129 19.28 -6.88 20.54
N VAL B 130 19.12 -7.03 21.85
CA VAL B 130 20.21 -6.96 22.81
C VAL B 130 20.26 -8.32 23.50
N LEU B 131 21.41 -8.98 23.41
CA LEU B 131 21.70 -10.15 24.24
C LEU B 131 22.50 -9.65 25.42
N TRP B 132 21.86 -9.63 26.59
CA TRP B 132 22.30 -8.93 27.79
C TRP B 132 22.81 -9.94 28.81
N ASP B 133 23.86 -9.56 29.55
CA ASP B 133 24.40 -10.36 30.65
C ASP B 133 23.93 -9.72 31.97
N LYS B 134 23.07 -10.44 32.70
CA LYS B 134 22.59 -9.95 34.00
C LYS B 134 23.70 -9.92 35.05
N LYS B 135 24.72 -10.76 34.91
CA LYS B 135 25.77 -10.81 35.93
C LYS B 135 26.68 -9.59 35.85
N THR B 136 27.29 -9.36 34.69
CA THR B 136 28.22 -8.22 34.59
C THR B 136 27.55 -6.97 34.08
N GLU B 137 26.26 -7.05 33.75
CA GLU B 137 25.48 -5.89 33.33
C GLU B 137 26.11 -5.24 32.09
N THR B 138 26.19 -6.05 31.03
CA THR B 138 26.71 -5.54 29.76
C THR B 138 25.97 -6.19 28.60
N VAL B 139 26.16 -5.61 27.42
CA VAL B 139 25.65 -6.19 26.18
C VAL B 139 26.66 -7.22 25.70
N VAL B 140 26.29 -8.49 25.75
CA VAL B 140 27.15 -9.52 25.17
C VAL B 140 27.27 -9.30 23.66
N ASN B 141 26.12 -9.19 23.00
CA ASN B 141 26.07 -9.18 21.54
C ASN B 141 24.79 -8.49 21.12
N ASN B 142 24.90 -7.55 20.18
CA ASN B 142 23.71 -6.91 19.64
C ASN B 142 23.65 -7.07 18.12
N GLU B 143 24.16 -8.19 17.62
CA GLU B 143 24.09 -8.52 16.19
C GLU B 143 23.29 -9.80 16.04
N SER B 144 22.11 -9.69 15.44
CA SER B 144 21.19 -10.83 15.35
C SER B 144 21.83 -12.03 14.65
N SER B 145 22.63 -11.81 13.60
CA SER B 145 23.21 -12.96 12.90
C SER B 145 24.13 -13.76 13.81
N GLU B 146 24.73 -13.13 14.81
CA GLU B 146 25.62 -13.82 15.74
C GLU B 146 24.87 -14.38 16.91
N ILE B 147 23.86 -13.66 17.40
CA ILE B 147 23.05 -14.18 18.49
C ILE B 147 22.46 -15.54 18.12
N ILE B 148 21.89 -15.67 16.92
CA ILE B 148 21.24 -16.94 16.62
C ILE B 148 22.27 -18.06 16.45
N ARG B 149 23.50 -17.72 16.06
CA ARG B 149 24.54 -18.73 15.99
C ARG B 149 25.01 -19.13 17.39
N ILE B 150 25.19 -18.17 18.29
CA ILE B 150 25.42 -18.52 19.70
C ILE B 150 24.40 -19.56 20.16
N PHE B 151 23.13 -19.36 19.80
CA PHE B 151 22.08 -20.26 20.28
C PHE B 151 22.18 -21.68 19.73
N ASN B 152 22.95 -21.93 18.67
CA ASN B 152 23.00 -23.29 18.14
C ASN B 152 23.63 -24.25 19.12
N THR B 153 24.65 -23.81 19.85
CA THR B 153 25.44 -24.72 20.66
C THR B 153 25.72 -24.25 22.07
N ALA B 154 25.76 -22.93 22.29
CA ALA B 154 26.30 -22.45 23.56
C ALA B 154 25.57 -23.03 24.77
N PHE B 155 24.26 -23.31 24.66
CA PHE B 155 23.46 -23.73 25.79
C PHE B 155 23.08 -25.21 25.74
N ASN B 156 23.73 -26.00 24.90
CA ASN B 156 23.27 -27.36 24.68
C ASN B 156 23.33 -28.19 25.95
N GLU B 157 24.25 -27.86 26.86
CA GLU B 157 24.37 -28.64 28.09
C GLU B 157 23.11 -28.54 28.94
N PHE B 158 22.27 -27.54 28.70
CA PHE B 158 21.07 -27.33 29.50
C PHE B 158 19.81 -27.86 28.83
N LEU B 159 19.93 -28.50 27.66
CA LEU B 159 18.79 -28.84 26.82
C LEU B 159 18.53 -30.33 26.80
N PRO B 160 17.27 -30.75 26.59
CA PRO B 160 17.00 -32.15 26.28
C PRO B 160 17.66 -32.53 24.95
N ALA B 161 17.79 -33.83 24.74
CA ALA B 161 18.59 -34.33 23.64
C ALA B 161 18.08 -33.84 22.30
N ASP B 162 16.76 -33.80 22.10
CA ASP B 162 16.26 -33.46 20.78
C ASP B 162 16.52 -31.99 20.48
N LYS B 163 16.32 -31.10 21.45
CA LYS B 163 16.64 -29.68 21.24
C LYS B 163 18.14 -29.44 21.11
N ALA B 164 18.94 -30.18 21.89
CA ALA B 164 20.39 -30.01 21.82
C ALA B 164 20.94 -30.35 20.44
N ALA B 165 20.31 -31.31 19.75
CA ALA B 165 20.82 -31.79 18.47
C ALA B 165 20.57 -30.81 17.34
N ILE B 166 19.58 -29.92 17.49
CA ILE B 166 19.26 -28.96 16.44
C ILE B 166 20.43 -28.01 16.23
N HIS B 167 20.78 -27.80 14.97
CA HIS B 167 21.84 -26.86 14.63
C HIS B 167 21.44 -26.26 13.30
N LEU B 168 21.23 -24.95 13.29
CA LEU B 168 20.72 -24.27 12.11
C LEU B 168 21.82 -23.72 11.22
N TYR B 169 23.08 -24.00 11.55
CA TYR B 169 24.21 -23.56 10.73
C TYR B 169 25.26 -24.68 10.72
N PRO B 170 24.88 -25.88 10.26
CA PRO B 170 25.80 -27.01 10.36
C PRO B 170 26.92 -26.95 9.33
N GLU B 171 28.04 -27.58 9.67
CA GLU B 171 29.24 -27.46 8.85
C GLU B 171 28.98 -27.88 7.41
N ALA B 172 28.18 -28.93 7.21
CA ALA B 172 28.00 -29.49 5.87
C ALA B 172 27.27 -28.51 4.96
N LEU B 173 26.46 -27.63 5.53
CA LEU B 173 25.63 -26.71 4.75
C LEU B 173 26.13 -25.29 4.80
N LYS B 174 27.19 -25.03 5.56
CA LYS B 174 27.61 -23.67 5.84
C LYS B 174 27.88 -22.90 4.55
N SER B 175 28.65 -23.47 3.63
CA SER B 175 29.04 -22.70 2.46
C SER B 175 27.82 -22.31 1.63
N GLU B 176 26.85 -23.23 1.50
CA GLU B 176 25.64 -22.92 0.76
C GLU B 176 24.76 -21.90 1.49
N ILE B 177 24.67 -22.03 2.82
CA ILE B 177 23.92 -21.06 3.63
C ILE B 177 24.52 -19.67 3.47
N ASP B 178 25.86 -19.58 3.60
CA ASP B 178 26.54 -18.29 3.43
C ASP B 178 26.27 -17.67 2.07
N GLU B 179 26.23 -18.49 1.01
CA GLU B 179 26.04 -17.97 -0.34
C GLU B 179 24.67 -17.33 -0.49
N ILE B 180 23.62 -18.02 -0.04
CA ILE B 180 22.27 -17.48 -0.15
C ILE B 180 22.07 -16.32 0.82
N ASN B 181 22.61 -16.43 2.04
CA ASN B 181 22.48 -15.33 3.00
C ASN B 181 23.03 -14.04 2.44
N GLU B 182 24.14 -14.10 1.71
CA GLU B 182 24.79 -12.87 1.27
C GLU B 182 23.84 -12.00 0.46
N TRP B 183 23.19 -12.59 -0.54
CA TRP B 183 22.31 -11.80 -1.40
C TRP B 183 20.92 -11.65 -0.80
N VAL B 184 20.44 -12.60 0.02
CA VAL B 184 19.19 -12.35 0.73
C VAL B 184 19.37 -11.16 1.68
N TYR B 185 20.49 -11.14 2.41
CA TYR B 185 20.72 -10.04 3.34
C TYR B 185 20.74 -8.71 2.61
N ASP B 186 21.54 -8.63 1.56
CA ASP B 186 21.76 -7.36 0.88
C ASP B 186 20.50 -6.86 0.19
N THR B 187 19.85 -7.73 -0.59
CA THR B 187 18.78 -7.29 -1.47
C THR B 187 17.37 -7.53 -0.95
N VAL B 188 17.21 -8.31 0.14
CA VAL B 188 15.87 -8.66 0.62
C VAL B 188 15.70 -8.19 2.07
N ASN B 189 16.51 -8.70 3.00
CA ASN B 189 16.44 -8.25 4.39
C ASN B 189 16.66 -6.73 4.49
N ASN B 190 17.76 -6.23 3.93
CA ASN B 190 18.02 -4.80 3.87
C ASN B 190 17.27 -4.13 2.73
N GLY B 191 16.95 -4.89 1.68
CA GLY B 191 16.37 -4.30 0.50
C GLY B 191 15.03 -3.63 0.76
N VAL B 192 14.19 -4.23 1.60
CA VAL B 192 12.89 -3.62 1.85
C VAL B 192 13.07 -2.26 2.50
N TYR B 193 14.07 -2.13 3.38
CA TYR B 193 14.35 -0.84 4.00
C TYR B 193 14.96 0.15 3.03
N LYS B 194 15.89 -0.30 2.18
CA LYS B 194 16.42 0.57 1.15
C LYS B 194 15.30 1.15 0.29
N ALA B 195 14.31 0.31 -0.05
CA ALA B 195 13.17 0.81 -0.81
C ALA B 195 12.31 1.75 0.03
N GLY B 196 11.93 1.32 1.24
CA GLY B 196 10.98 2.09 2.02
C GLY B 196 11.50 3.43 2.53
N PHE B 197 12.79 3.52 2.79
CA PHE B 197 13.37 4.77 3.30
C PHE B 197 14.10 5.57 2.23
N ALA B 198 14.02 5.17 0.97
CA ALA B 198 14.54 6.00 -0.10
C ALA B 198 13.76 7.32 -0.18
N THR B 199 14.48 8.42 -0.39
CA THR B 199 13.86 9.74 -0.49
C THR B 199 13.85 10.29 -1.89
N THR B 200 14.37 9.55 -2.86
CA THR B 200 14.28 9.93 -4.26
C THR B 200 13.67 8.77 -5.04
N GLN B 201 13.01 9.12 -6.15
CA GLN B 201 12.48 8.10 -7.03
C GLN B 201 13.59 7.16 -7.48
N GLN B 202 14.76 7.72 -7.85
CA GLN B 202 15.87 6.91 -8.34
C GLN B 202 16.30 5.86 -7.32
N ALA B 203 16.51 6.27 -6.07
CA ALA B 203 16.99 5.38 -5.04
C ALA B 203 15.96 4.33 -4.70
N TYR B 204 14.67 4.70 -4.71
CA TYR B 204 13.64 3.70 -4.46
C TYR B 204 13.68 2.63 -5.54
N GLU B 205 13.71 3.04 -6.81
CA GLU B 205 13.73 2.08 -7.89
C GLU B 205 14.98 1.22 -7.87
N ALA B 206 16.13 1.82 -7.54
CA ALA B 206 17.37 1.06 -7.43
C ALA B 206 17.33 -0.02 -6.37
N ALA B 207 16.50 0.15 -5.35
CA ALA B 207 16.34 -0.84 -4.29
C ALA B 207 15.24 -1.83 -4.60
N VAL B 208 14.10 -1.37 -5.12
CA VAL B 208 12.94 -2.26 -5.21
C VAL B 208 13.08 -3.25 -6.35
N ILE B 209 13.81 -2.89 -7.41
CA ILE B 209 13.91 -3.83 -8.54
C ILE B 209 14.78 -5.02 -8.12
N PRO B 210 15.95 -4.83 -7.51
CA PRO B 210 16.72 -6.00 -7.06
C PRO B 210 16.01 -6.81 -5.99
N LEU B 211 15.21 -6.15 -5.15
CA LEU B 211 14.37 -6.88 -4.19
C LEU B 211 13.51 -7.91 -4.91
N PHE B 212 12.75 -7.47 -5.92
CA PHE B 212 11.85 -8.39 -6.59
C PHE B 212 12.60 -9.36 -7.50
N GLU B 213 13.73 -8.97 -8.08
CA GLU B 213 14.57 -9.94 -8.79
C GLU B 213 15.03 -11.06 -7.85
N SER B 214 15.38 -10.71 -6.61
CA SER B 214 15.80 -11.74 -5.68
C SER B 214 14.62 -12.59 -5.21
N LEU B 215 13.43 -12.00 -5.09
CA LEU B 215 12.24 -12.82 -4.84
C LEU B 215 11.99 -13.77 -6.00
N ASP B 216 12.19 -13.30 -7.24
CA ASP B 216 12.08 -14.21 -8.38
C ASP B 216 13.07 -15.36 -8.25
N ARG B 217 14.30 -15.06 -7.83
CA ARG B 217 15.31 -16.09 -7.68
C ARG B 217 14.95 -17.06 -6.56
N LEU B 218 14.42 -16.55 -5.45
CA LEU B 218 14.00 -17.40 -4.34
C LEU B 218 12.81 -18.27 -4.71
N GLU B 219 11.87 -17.72 -5.49
CA GLU B 219 10.72 -18.46 -5.98
C GLU B 219 11.17 -19.72 -6.74
N LYS B 220 12.18 -19.58 -7.58
CA LYS B 220 12.72 -20.75 -8.29
C LYS B 220 13.37 -21.73 -7.32
N ILE B 221 14.12 -21.23 -6.33
CA ILE B 221 14.79 -22.13 -5.40
C ILE B 221 13.76 -22.95 -4.65
N LEU B 222 12.68 -22.32 -4.22
CA LEU B 222 11.73 -22.95 -3.31
C LEU B 222 10.64 -23.72 -4.02
N THR B 223 10.60 -23.70 -5.35
CA THR B 223 9.61 -24.49 -6.05
C THR B 223 9.82 -25.97 -5.77
N GLY B 224 8.81 -26.59 -5.17
CA GLY B 224 8.88 -27.98 -4.80
C GLY B 224 9.76 -28.27 -3.61
N LYS B 225 10.13 -27.26 -2.82
CA LYS B 225 10.99 -27.45 -1.66
C LYS B 225 10.34 -26.87 -0.41
N ASP B 226 10.68 -27.44 0.75
CA ASP B 226 10.21 -26.89 2.00
C ASP B 226 11.22 -25.97 2.67
N TYR B 227 12.48 -26.04 2.26
CA TYR B 227 13.57 -25.31 2.89
C TYR B 227 14.51 -24.80 1.81
N LEU B 228 15.16 -23.68 2.10
CA LEU B 228 16.09 -23.07 1.15
C LEU B 228 17.30 -23.95 0.89
N VAL B 229 17.80 -24.65 1.92
CA VAL B 229 19.10 -25.31 1.86
C VAL B 229 19.00 -26.69 2.49
N GLY B 230 19.46 -27.70 1.76
CA GLY B 230 19.71 -29.00 2.37
C GLY B 230 18.49 -29.81 2.76
N ASP B 231 17.31 -29.44 2.27
CA ASP B 231 16.05 -30.10 2.63
C ASP B 231 15.87 -30.18 4.15
N GLN B 232 16.37 -29.18 4.87
CA GLN B 232 16.13 -29.08 6.30
C GLN B 232 16.12 -27.61 6.72
N LEU B 233 15.48 -27.35 7.84
CA LEU B 233 15.44 -26.01 8.40
C LEU B 233 16.84 -25.54 8.76
N THR B 234 17.23 -24.37 8.24
CA THR B 234 18.47 -23.72 8.60
C THR B 234 18.23 -22.24 8.92
N GLU B 235 19.29 -21.58 9.36
CA GLU B 235 19.19 -20.16 9.64
C GLU B 235 18.87 -19.37 8.39
N ALA B 236 19.13 -19.93 7.21
CA ALA B 236 18.77 -19.19 6.00
C ALA B 236 17.26 -19.01 5.92
N ASP B 237 16.50 -20.05 6.29
CA ASP B 237 15.04 -19.93 6.34
C ASP B 237 14.60 -18.91 7.39
N VAL B 238 15.23 -18.94 8.57
CA VAL B 238 14.83 -18.01 9.63
C VAL B 238 15.06 -16.58 9.17
N ARG B 239 16.23 -16.32 8.60
CA ARG B 239 16.62 -14.97 8.21
C ARG B 239 15.77 -14.46 7.06
N LEU B 240 15.35 -15.34 6.14
CA LEU B 240 14.44 -14.92 5.08
C LEU B 240 13.04 -14.72 5.65
N PHE B 241 12.61 -15.64 6.52
CA PHE B 241 11.25 -15.63 7.02
C PHE B 241 10.87 -14.29 7.65
N VAL B 242 11.76 -13.73 8.46
CA VAL B 242 11.35 -12.54 9.21
C VAL B 242 11.03 -11.40 8.27
N THR B 243 11.63 -11.38 7.09
CA THR B 243 11.28 -10.35 6.12
C THR B 243 9.97 -10.71 5.41
N ILE B 244 9.84 -11.96 4.98
CA ILE B 244 8.70 -12.32 4.13
C ILE B 244 7.41 -12.27 4.92
N ILE B 245 7.45 -12.62 6.22
CA ILE B 245 6.23 -12.63 7.03
C ILE B 245 5.70 -11.22 7.24
N ARG B 246 6.56 -10.21 7.11
CA ARG B 246 6.18 -8.81 7.22
C ARG B 246 5.83 -8.18 5.88
N PHE B 247 5.92 -8.95 4.81
CA PHE B 247 5.93 -8.36 3.46
C PHE B 247 4.53 -7.90 3.05
N ASP B 248 3.57 -8.82 2.99
CA ASP B 248 2.22 -8.41 2.63
C ASP B 248 1.60 -7.51 3.72
N PRO B 249 1.82 -7.80 5.01
CA PRO B 249 1.19 -6.95 6.06
C PRO B 249 1.73 -5.52 6.17
N ALA B 250 2.95 -5.23 5.69
CA ALA B 250 3.53 -3.91 5.92
C ALA B 250 4.43 -3.41 4.79
N TYR B 251 5.31 -4.25 4.28
CA TYR B 251 6.27 -3.74 3.31
C TYR B 251 5.61 -3.35 1.99
N VAL B 252 4.62 -4.12 1.52
CA VAL B 252 3.98 -3.83 0.25
C VAL B 252 3.45 -2.40 0.26
N GLY B 253 2.70 -2.06 1.30
CA GLY B 253 2.10 -0.74 1.40
C GLY B 253 3.07 0.30 1.93
N HIS B 254 3.51 0.13 3.17
CA HIS B 254 4.29 1.18 3.84
C HIS B 254 5.62 1.45 3.14
N PHE B 255 6.32 0.41 2.70
CA PHE B 255 7.61 0.54 2.04
C PHE B 255 7.50 0.47 0.52
N LYS B 256 6.27 0.47 -0.03
CA LYS B 256 6.05 0.54 -1.46
C LYS B 256 6.72 -0.62 -2.19
N CYS B 257 6.83 -1.77 -1.54
CA CYS B 257 7.39 -2.96 -2.16
C CYS B 257 6.26 -3.75 -2.84
N ASN B 258 5.71 -3.16 -3.92
CA ASN B 258 4.38 -3.55 -4.36
C ASN B 258 4.29 -4.00 -5.81
N LEU B 259 5.39 -4.42 -6.45
CA LEU B 259 5.28 -4.98 -7.80
C LEU B 259 4.31 -6.14 -7.83
N ARG B 260 4.34 -6.95 -6.78
CA ARG B 260 3.36 -8.02 -6.57
C ARG B 260 3.49 -8.40 -5.11
N THR B 261 2.51 -9.15 -4.63
CA THR B 261 2.52 -9.60 -3.23
C THR B 261 3.07 -11.02 -3.16
N ILE B 262 3.44 -11.43 -1.94
CA ILE B 262 3.82 -12.82 -1.71
C ILE B 262 2.64 -13.73 -2.04
N ARG B 263 1.49 -13.45 -1.43
CA ARG B 263 0.36 -14.38 -1.52
C ARG B 263 -0.16 -14.52 -2.94
N ASP B 264 -0.09 -13.49 -3.76
CA ASP B 264 -0.60 -13.63 -5.11
C ASP B 264 0.47 -13.64 -6.19
N GLY B 265 1.69 -13.27 -5.86
CA GLY B 265 2.73 -13.23 -6.88
C GLY B 265 3.76 -14.33 -6.79
N TYR B 266 3.90 -14.99 -5.64
CA TYR B 266 5.01 -15.91 -5.38
C TYR B 266 4.52 -17.19 -4.70
N PRO B 267 3.94 -18.11 -5.47
CA PRO B 267 3.33 -19.29 -4.84
C PRO B 267 4.31 -20.15 -4.09
N ALA B 268 5.53 -20.35 -4.62
CA ALA B 268 6.46 -21.23 -3.90
C ALA B 268 6.92 -20.58 -2.60
N ILE B 269 7.23 -19.26 -2.64
CA ILE B 269 7.56 -18.57 -1.41
C ILE B 269 6.37 -18.63 -0.45
N HIS B 270 5.18 -18.31 -0.95
CA HIS B 270 3.97 -18.33 -0.12
C HIS B 270 3.79 -19.67 0.58
N LEU B 271 4.07 -20.78 -0.12
CA LEU B 271 3.87 -22.09 0.48
C LEU B 271 4.90 -22.36 1.56
N TRP B 272 6.16 -22.11 1.25
CA TRP B 272 7.26 -22.20 2.21
C TRP B 272 6.97 -21.38 3.46
N LEU B 273 6.52 -20.13 3.26
CA LEU B 273 6.21 -19.24 4.37
C LEU B 273 5.10 -19.81 5.25
N ARG B 274 4.03 -20.30 4.62
CA ARG B 274 2.89 -20.81 5.37
C ARG B 274 3.22 -22.12 6.10
N LYS B 275 4.06 -22.97 5.50
CA LYS B 275 4.48 -24.17 6.21
C LYS B 275 5.30 -23.81 7.44
N LEU B 276 6.18 -22.83 7.33
CA LEU B 276 6.95 -22.44 8.51
C LEU B 276 6.02 -21.87 9.57
N TYR B 277 5.15 -20.94 9.19
CA TYR B 277 4.31 -20.25 10.16
C TYR B 277 3.34 -21.20 10.83
N TRP B 278 2.64 -22.02 10.03
CA TRP B 278 1.55 -22.81 10.54
C TRP B 278 1.97 -24.14 11.14
N ASN B 279 3.10 -24.71 10.69
CA ASN B 279 3.50 -26.04 11.13
C ASN B 279 4.65 -26.02 12.14
N ASN B 280 5.30 -24.87 12.38
CA ASN B 280 6.38 -24.77 13.36
C ASN B 280 6.07 -23.63 14.31
N SER B 281 5.64 -23.96 15.53
CA SER B 281 5.11 -22.93 16.42
C SER B 281 6.16 -21.92 16.86
N ALA B 282 7.44 -22.21 16.65
CA ALA B 282 8.47 -21.19 16.91
C ALA B 282 8.25 -19.96 16.05
N PHE B 283 7.68 -20.15 14.86
CA PHE B 283 7.51 -19.07 13.91
C PHE B 283 6.22 -18.30 14.13
N SER B 284 5.18 -18.92 14.70
CA SER B 284 3.91 -18.23 14.96
C SER B 284 3.85 -17.61 16.34
N GLU B 285 4.36 -18.32 17.36
CA GLU B 285 4.34 -17.81 18.72
C GLU B 285 5.10 -16.49 18.84
N THR B 286 6.05 -16.26 17.93
CA THR B 286 6.92 -15.08 17.96
C THR B 286 6.50 -14.02 16.94
N CYS B 287 5.37 -14.23 16.27
CA CYS B 287 4.90 -13.35 15.21
C CYS B 287 3.68 -12.56 15.71
N LYS B 288 3.91 -11.29 16.01
CA LYS B 288 2.84 -10.39 16.49
C LYS B 288 2.59 -9.36 15.41
N PHE B 289 1.56 -9.60 14.58
CA PHE B 289 1.30 -8.73 13.46
C PHE B 289 0.84 -7.35 13.92
N ASP B 290 0.17 -7.27 15.08
CA ASP B 290 -0.22 -5.98 15.60
C ASP B 290 1.01 -5.15 15.96
N HIS B 291 2.03 -5.76 16.58
CA HIS B 291 3.27 -5.03 16.84
C HIS B 291 3.93 -4.60 15.54
N ILE B 292 4.03 -5.55 14.59
CA ILE B 292 4.64 -5.27 13.30
C ILE B 292 3.98 -4.05 12.65
N LYS B 293 2.65 -4.05 12.56
CA LYS B 293 1.99 -2.99 11.82
C LYS B 293 2.02 -1.68 12.59
N ALA B 294 1.93 -1.76 13.91
CA ALA B 294 1.98 -0.54 14.71
C ALA B 294 3.33 0.17 14.56
N SER B 295 4.42 -0.60 14.58
CA SER B 295 5.72 0.04 14.47
C SER B 295 5.89 0.72 13.14
N TYR B 296 5.65 0.00 12.05
CA TYR B 296 5.91 0.59 10.74
C TYR B 296 5.02 1.80 10.51
N TYR B 297 3.71 1.65 10.73
CA TYR B 297 2.82 2.75 10.37
C TYR B 297 2.89 3.93 11.34
N ALA B 298 3.57 3.81 12.48
CA ALA B 298 3.82 4.98 13.33
C ALA B 298 5.01 5.82 12.85
N GLN B 299 5.66 5.44 11.75
CA GLN B 299 6.83 6.16 11.25
C GLN B 299 6.40 7.43 10.54
N LYS B 300 6.44 8.56 11.26
CA LYS B 300 5.83 9.82 10.79
C LYS B 300 6.47 10.30 9.51
N ASN B 301 7.77 10.08 9.36
CA ASN B 301 8.48 10.56 8.19
C ASN B 301 7.99 9.90 6.90
N VAL B 302 7.38 8.72 6.99
CA VAL B 302 6.86 8.02 5.83
C VAL B 302 5.34 8.08 5.79
N ASN B 303 4.69 7.96 6.95
CA ASN B 303 3.24 7.89 7.08
C ASN B 303 2.78 8.94 8.08
N PRO B 304 2.80 10.22 7.68
CA PRO B 304 2.48 11.30 8.64
C PRO B 304 1.09 11.21 9.23
N THR B 305 0.10 10.62 8.54
CA THR B 305 -1.22 10.51 9.13
C THR B 305 -1.25 9.53 10.28
N LEU B 306 -0.25 8.66 10.38
CA LEU B 306 -0.13 7.69 11.45
C LEU B 306 -1.21 6.61 11.41
N VAL B 307 -2.04 6.58 10.37
CA VAL B 307 -3.08 5.56 10.26
C VAL B 307 -2.48 4.19 9.99
N VAL B 308 -3.03 3.16 10.62
CA VAL B 308 -2.60 1.78 10.42
C VAL B 308 -3.66 1.10 9.57
N PRO B 309 -3.35 0.65 8.36
CA PRO B 309 -4.40 0.05 7.53
C PRO B 309 -4.96 -1.22 8.16
N LEU B 310 -6.22 -1.48 7.87
CA LEU B 310 -6.87 -2.66 8.44
C LEU B 310 -6.51 -3.92 7.66
N GLY B 311 -5.98 -3.77 6.46
CA GLY B 311 -5.64 -4.93 5.64
C GLY B 311 -4.13 -5.09 5.59
N PRO B 312 -3.65 -6.11 4.88
CA PRO B 312 -4.45 -7.09 4.17
C PRO B 312 -5.11 -8.05 5.13
N ILE B 313 -6.27 -8.59 4.74
CA ILE B 313 -6.94 -9.62 5.52
C ILE B 313 -6.79 -10.92 4.77
N PRO B 314 -6.23 -11.96 5.40
CA PRO B 314 -5.64 -12.03 6.74
C PRO B 314 -4.18 -11.64 6.69
N ASN B 315 -3.57 -11.54 7.87
CA ASN B 315 -2.14 -11.32 7.93
C ASN B 315 -1.35 -12.41 7.21
N ILE B 316 -1.75 -13.68 7.36
CA ILE B 316 -1.18 -14.77 6.57
C ILE B 316 -2.28 -15.78 6.30
N LEU B 317 -2.39 -16.19 5.04
CA LEU B 317 -3.45 -17.11 4.66
C LEU B 317 -3.17 -18.48 5.24
N PRO B 318 -4.21 -19.28 5.48
CA PRO B 318 -4.00 -20.62 5.99
C PRO B 318 -3.42 -21.57 4.95
N LEU B 319 -2.93 -22.70 5.44
CA LEU B 319 -2.73 -23.87 4.62
C LEU B 319 -4.07 -24.60 4.49
N1 GSH C . -18.69 16.43 -7.49
CA1 GSH C . -17.64 16.77 -8.45
C1 GSH C . -17.87 15.91 -9.68
O11 GSH C . -18.33 14.75 -9.53
O12 GSH C . -17.62 16.37 -10.83
CB1 GSH C . -16.29 16.48 -7.81
CG1 GSH C . -15.11 16.84 -8.71
CD1 GSH C . -13.83 16.83 -7.86
OE1 GSH C . -13.86 16.76 -6.65
N2 GSH C . -12.57 16.88 -8.53
CA2 GSH C . -11.32 16.88 -7.80
C2 GSH C . -10.83 18.30 -7.81
O2 GSH C . -10.82 19.00 -8.80
CB2 GSH C . -10.28 16.05 -8.46
SG2 GSH C . -10.61 14.28 -8.27
N3 GSH C . -10.32 18.78 -6.56
CA3 GSH C . -9.80 20.12 -6.48
C3 GSH C . -10.31 20.80 -5.22
O31 GSH C . -11.23 20.25 -4.58
O32 GSH C . -9.81 21.89 -4.86
HN11 GSH C . -19.46 16.31 -7.92
HN12 GSH C . -18.78 17.09 -6.89
HA1 GSH C . -17.70 17.71 -8.69
HB12 GSH C . -16.24 15.53 -7.60
HB13 GSH C . -16.21 16.98 -6.98
HG12 GSH C . -15.03 16.20 -9.42
HG13 GSH C . -15.24 17.73 -9.08
HN2 GSH C . -12.55 16.93 -9.39
HA2 GSH C . -11.47 16.58 -6.89
HB22 GSH C . -10.25 16.26 -9.41
HB23 GSH C . -9.41 16.25 -8.07
HSG GSH C . -9.64 13.65 -8.59
HN3 GSH C . -10.32 18.26 -5.88
HA31 GSH C . -10.10 20.63 -7.26
HA32 GSH C . -8.83 20.09 -6.46
N1 GSH D . 22.48 -5.46 12.48
CA1 GSH D . 21.50 -5.48 13.58
C1 GSH D . 21.01 -6.91 13.78
O11 GSH D . 20.78 -7.39 14.93
O12 GSH D . 20.78 -7.63 12.76
CB1 GSH D . 20.35 -4.56 13.19
CG1 GSH D . 19.38 -4.31 14.34
CD1 GSH D . 18.47 -3.14 14.03
OE1 GSH D . 18.71 -2.36 13.16
N2 GSH D . 17.28 -2.99 14.81
CA2 GSH D . 16.39 -1.88 14.57
C2 GSH D . 16.62 -0.87 15.69
O2 GSH D . 16.69 -1.22 16.84
CB2 GSH D . 14.92 -2.23 14.69
SG2 GSH D . 14.37 -3.22 13.27
N3 GSH D . 16.68 0.51 15.30
CA3 GSH D . 16.85 1.56 16.28
C3 GSH D . 17.93 2.56 15.85
O31 GSH D . 18.09 3.57 16.58
O32 GSH D . 18.64 2.39 14.82
HN11 GSH D . 22.96 -4.71 12.51
HN12 GSH D . 23.02 -6.16 12.56
HA1 GSH D . 21.92 -5.16 14.39
HB12 GSH D . 20.71 -3.72 12.89
HB13 GSH D . 19.87 -4.96 12.45
HG12 GSH D . 19.90 -4.11 15.14
HG13 GSH D . 18.85 -5.11 14.49
HN2 GSH D . 17.10 -3.54 15.45
HA2 GSH D . 16.58 -1.47 13.71
HB22 GSH D . 14.78 -2.75 15.50
HB23 GSH D . 14.40 -1.42 14.73
HSG GSH D . 13.18 -3.32 13.29
HN3 GSH D . 16.61 0.73 14.47
HA31 GSH D . 17.12 1.16 17.12
HA32 GSH D . 16.01 2.03 16.41
#